data_2F28
#
_entry.id   2F28
#
_cell.length_a   145.660
_cell.length_b   145.660
_cell.length_c   64.400
_cell.angle_alpha   90.00
_cell.angle_beta   90.00
_cell.angle_gamma   120.00
#
_symmetry.space_group_name_H-M   'H 3'
#
loop_
_entity.id
_entity.type
_entity.pdbx_description
1 polymer 'Sialidase 2'
2 non-polymer 'CHLORIDE ION'
3 water water
#
_entity_poly.entity_id   1
_entity_poly.type   'polypeptide(L)'
_entity_poly.pdbx_seq_one_letter_code
;GSMASLPVLQKESVFQSGAHAYRIPALLYLPGQQSLLAFAEQRASKKDEHAELIVLRRGDYDAPTHQVQWQAQEVVAQAR
LDGHRSMNPCPLYDAQTGTLFLFFIAIPGQVTEQQQLETRANVTRLCQVTSTDHGRTWSSPRDLTDAAIGPAYREWSTFA
VGPGHCLQLNDRARSLVVPAYAYRKLHPIQRPIPSAFCFLSHDHGRTWARGHFVAQDTLECQVAEVETGEQRVVTLNARS
HLRARVQAQSTNDGLDFQESQLVKKLVEPPPQGCQGSVISFPSPRSGPGSPAQWLLYTHPTHSWQRADLGAYLNPRPPAP
EAWSEPVLLAKGSCAYSDLQSMGTGPDGSPLFGCLYEANDYEEIVFLMFTLKQAFPAEYLPQ
;
_entity_poly.pdbx_strand_id   A
#
loop_
_chem_comp.id
_chem_comp.type
_chem_comp.name
_chem_comp.formula
CL non-polymer 'CHLORIDE ION' 'Cl -1'
#
# COMPACT_ATOMS: atom_id res chain seq x y z
N PRO A 7 -21.20 -9.83 -7.74
CA PRO A 7 -20.77 -11.25 -7.69
C PRO A 7 -19.25 -11.33 -7.64
N VAL A 8 -18.72 -12.24 -6.84
CA VAL A 8 -17.27 -12.41 -6.74
C VAL A 8 -16.88 -13.88 -6.86
N LEU A 9 -15.59 -14.11 -7.11
CA LEU A 9 -15.08 -15.47 -7.25
C LEU A 9 -14.75 -16.08 -5.90
N GLN A 10 -14.32 -15.24 -4.96
CA GLN A 10 -13.94 -15.73 -3.64
C GLN A 10 -13.99 -14.65 -2.57
N LYS A 11 -14.49 -15.02 -1.39
CA LYS A 11 -14.55 -14.12 -0.25
C LYS A 11 -14.21 -14.99 0.95
N GLU A 12 -13.05 -14.74 1.54
CA GLU A 12 -12.59 -15.54 2.66
C GLU A 12 -11.81 -14.74 3.70
N SER A 13 -12.12 -14.97 4.97
CA SER A 13 -11.41 -14.28 6.04
C SER A 13 -10.07 -15.01 6.19
N VAL A 14 -8.98 -14.32 5.90
CA VAL A 14 -7.66 -14.95 6.00
C VAL A 14 -6.91 -14.67 7.30
N PHE A 15 -7.40 -13.69 8.06
CA PHE A 15 -6.84 -13.34 9.37
C PHE A 15 -8.03 -12.99 10.25
N GLN A 16 -8.08 -13.55 11.45
CA GLN A 16 -9.20 -13.28 12.36
C GLN A 16 -8.75 -13.18 13.81
N SER A 17 -9.33 -12.23 14.54
CA SER A 17 -8.99 -12.03 15.94
C SER A 17 -10.02 -11.16 16.66
N GLY A 18 -10.68 -11.74 17.65
CA GLY A 18 -11.67 -10.99 18.41
C GLY A 18 -11.00 -9.87 19.18
N ALA A 19 -9.69 -9.98 19.35
CA ALA A 19 -8.91 -8.98 20.07
C ALA A 19 -8.29 -7.95 19.13
N HIS A 20 -8.73 -7.96 17.87
CA HIS A 20 -8.21 -7.02 16.87
C HIS A 20 -6.69 -7.16 16.77
N ALA A 21 -6.22 -8.39 16.78
CA ALA A 21 -4.79 -8.66 16.69
C ALA A 21 -4.18 -8.44 15.31
N TYR A 22 -4.99 -8.59 14.27
CA TYR A 22 -4.50 -8.42 12.90
C TYR A 22 -5.00 -7.16 12.22
N ARG A 23 -4.06 -6.36 11.71
CA ARG A 23 -4.37 -5.13 10.99
C ARG A 23 -3.31 -4.81 9.95
N ILE A 24 -3.58 -3.78 9.17
CA ILE A 24 -2.66 -3.28 8.15
C ILE A 24 -2.27 -4.32 7.10
N PRO A 25 -3.23 -4.67 6.22
CA PRO A 25 -2.99 -5.67 5.17
C PRO A 25 -2.13 -5.17 4.01
N ALA A 26 -1.36 -6.10 3.45
CA ALA A 26 -0.52 -5.81 2.28
C ALA A 26 -0.62 -7.06 1.42
N LEU A 27 -0.85 -6.88 0.12
CA LEU A 27 -0.98 -8.00 -0.79
C LEU A 27 0.03 -7.91 -1.93
N LEU A 28 0.62 -9.05 -2.30
CA LEU A 28 1.59 -9.08 -3.40
C LEU A 28 1.34 -10.27 -4.31
N TYR A 29 1.22 -10.00 -5.61
CA TYR A 29 1.00 -11.05 -6.59
C TYR A 29 2.33 -11.42 -7.27
N LEU A 30 2.59 -12.72 -7.39
CA LEU A 30 3.79 -13.23 -8.04
C LEU A 30 3.27 -13.77 -9.38
N PRO A 31 3.60 -13.10 -10.49
CA PRO A 31 3.13 -13.49 -11.83
C PRO A 31 3.58 -14.84 -12.41
N GLY A 32 4.81 -15.24 -12.11
CA GLY A 32 5.29 -16.51 -12.63
C GLY A 32 4.70 -17.66 -11.85
N GLN A 33 4.71 -17.53 -10.54
CA GLN A 33 4.19 -18.55 -9.64
C GLN A 33 2.66 -18.55 -9.65
N GLN A 34 2.07 -17.40 -10.00
CA GLN A 34 0.61 -17.24 -10.00
C GLN A 34 0.14 -17.50 -8.58
N SER A 35 0.74 -16.78 -7.64
CA SER A 35 0.42 -16.93 -6.23
C SER A 35 0.35 -15.57 -5.57
N LEU A 36 -0.19 -15.55 -4.36
CA LEU A 36 -0.31 -14.31 -3.60
C LEU A 36 0.39 -14.44 -2.26
N LEU A 37 0.88 -13.31 -1.77
CA LEU A 37 1.50 -13.25 -0.46
C LEU A 37 0.64 -12.22 0.28
N ALA A 38 -0.02 -12.66 1.36
CA ALA A 38 -0.86 -11.77 2.15
C ALA A 38 -0.17 -11.50 3.47
N PHE A 39 0.20 -10.23 3.68
CA PHE A 39 0.89 -9.81 4.91
C PHE A 39 -0.05 -9.03 5.81
N ALA A 40 0.27 -9.02 7.09
CA ALA A 40 -0.51 -8.26 8.07
C ALA A 40 0.33 -8.08 9.31
N GLU A 41 -0.04 -7.11 10.12
CA GLU A 41 0.63 -6.85 11.39
C GLU A 41 -0.11 -7.69 12.42
N GLN A 42 0.63 -8.25 13.37
CA GLN A 42 0.02 -9.05 14.42
C GLN A 42 0.45 -8.45 15.75
N ARG A 43 -0.50 -7.92 16.52
CA ARG A 43 -0.17 -7.34 17.81
C ARG A 43 -0.08 -8.44 18.84
N GLU A 52 4.99 -6.39 18.40
CA GLU A 52 4.25 -6.53 17.14
C GLU A 52 5.15 -7.06 16.04
N LEU A 53 4.64 -8.02 15.28
CA LEU A 53 5.41 -8.61 14.19
C LEU A 53 4.57 -8.69 12.93
N ILE A 54 5.22 -9.07 11.83
CA ILE A 54 4.53 -9.21 10.56
C ILE A 54 4.31 -10.69 10.27
N VAL A 55 3.06 -11.03 9.92
CA VAL A 55 2.74 -12.40 9.59
C VAL A 55 2.45 -12.50 8.11
N LEU A 56 2.45 -13.73 7.59
CA LEU A 56 2.23 -13.95 6.18
C LEU A 56 1.50 -15.24 5.87
N ARG A 57 0.68 -15.21 4.83
CA ARG A 57 -0.03 -16.38 4.36
C ARG A 57 0.21 -16.41 2.86
N ARG A 58 0.68 -17.56 2.38
CA ARG A 58 0.97 -17.77 0.97
C ARG A 58 -0.24 -18.47 0.37
N GLY A 59 -0.55 -18.17 -0.89
CA GLY A 59 -1.69 -18.82 -1.51
C GLY A 59 -1.58 -18.89 -3.02
N ASP A 60 -1.68 -20.10 -3.57
CA ASP A 60 -1.59 -20.26 -5.02
C ASP A 60 -2.96 -20.13 -5.66
N TYR A 61 -3.00 -19.52 -6.84
CA TYR A 61 -4.24 -19.42 -7.57
C TYR A 61 -4.41 -20.78 -8.23
N ASP A 62 -5.40 -21.54 -7.80
CA ASP A 62 -5.66 -22.85 -8.37
C ASP A 62 -6.60 -22.63 -9.54
N ALA A 63 -6.03 -22.61 -10.74
CA ALA A 63 -6.80 -22.37 -11.96
C ALA A 63 -8.01 -23.30 -12.15
N PRO A 64 -7.83 -24.61 -11.96
CA PRO A 64 -8.95 -25.54 -12.13
C PRO A 64 -10.20 -25.19 -11.32
N THR A 65 -10.02 -24.57 -10.16
CA THR A 65 -11.15 -24.19 -9.32
C THR A 65 -11.28 -22.68 -9.19
N HIS A 66 -10.40 -21.96 -9.87
CA HIS A 66 -10.34 -20.49 -9.82
C HIS A 66 -10.53 -19.96 -8.40
N GLN A 67 -9.75 -20.52 -7.49
CA GLN A 67 -9.75 -20.15 -6.08
C GLN A 67 -8.32 -20.06 -5.61
N VAL A 68 -8.05 -19.18 -4.65
CA VAL A 68 -6.70 -19.08 -4.11
C VAL A 68 -6.74 -20.01 -2.89
N GLN A 69 -5.79 -20.94 -2.84
CA GLN A 69 -5.71 -21.88 -1.73
C GLN A 69 -4.72 -21.38 -0.70
N TRP A 70 -5.23 -20.70 0.32
CA TRP A 70 -4.38 -20.13 1.36
C TRP A 70 -3.77 -21.18 2.27
N GLN A 71 -2.45 -21.08 2.43
CA GLN A 71 -1.70 -21.99 3.27
C GLN A 71 -1.62 -21.46 4.70
N ALA A 72 -1.01 -22.23 5.59
CA ALA A 72 -0.89 -21.84 6.99
C ALA A 72 -0.14 -20.54 7.25
N GLN A 73 -0.62 -19.79 8.21
CA GLN A 73 -0.01 -18.52 8.59
C GLN A 73 1.35 -18.76 9.23
N GLU A 74 2.30 -17.87 8.95
CA GLU A 74 3.63 -17.98 9.52
C GLU A 74 4.19 -16.59 9.79
N VAL A 75 5.02 -16.50 10.82
CA VAL A 75 5.61 -15.22 11.20
C VAL A 75 6.83 -14.93 10.33
N VAL A 76 6.95 -13.70 9.84
CA VAL A 76 8.10 -13.34 9.04
C VAL A 76 9.16 -12.95 10.09
N ALA A 77 9.75 -13.97 10.69
CA ALA A 77 10.75 -13.81 11.74
C ALA A 77 11.90 -12.86 11.42
N GLN A 78 12.34 -12.85 10.16
CA GLN A 78 13.44 -11.99 9.75
C GLN A 78 13.06 -10.51 9.71
N ALA A 79 11.78 -10.23 9.46
CA ALA A 79 11.31 -8.85 9.37
C ALA A 79 11.16 -8.17 10.72
N ARG A 80 12.28 -7.97 11.41
CA ARG A 80 12.24 -7.31 12.71
C ARG A 80 13.63 -7.02 13.26
N LEU A 81 13.70 -6.02 14.13
CA LEU A 81 14.94 -5.62 14.77
C LEU A 81 14.80 -5.91 16.25
N ASP A 82 15.87 -6.41 16.87
CA ASP A 82 15.83 -6.71 18.29
C ASP A 82 15.29 -5.52 19.08
N GLY A 83 14.34 -5.79 19.97
CA GLY A 83 13.76 -4.73 20.79
C GLY A 83 12.87 -3.74 20.05
N HIS A 84 12.44 -4.10 18.84
CA HIS A 84 11.58 -3.22 18.06
C HIS A 84 10.28 -3.89 17.63
N ARG A 85 9.27 -3.07 17.39
CA ARG A 85 7.98 -3.57 16.91
C ARG A 85 8.02 -3.35 15.41
N SER A 86 7.55 -4.34 14.65
CA SER A 86 7.54 -4.21 13.19
C SER A 86 6.15 -3.85 12.71
N MET A 87 6.08 -2.95 11.73
CA MET A 87 4.79 -2.55 11.21
C MET A 87 4.86 -2.09 9.76
N ASN A 88 3.68 -1.89 9.18
CA ASN A 88 3.55 -1.42 7.81
C ASN A 88 4.24 -2.24 6.73
N PRO A 89 3.82 -3.51 6.56
CA PRO A 89 4.43 -4.34 5.52
C PRO A 89 4.18 -3.67 4.16
N CYS A 90 5.24 -3.55 3.36
CA CYS A 90 5.16 -2.88 2.05
C CYS A 90 5.94 -3.74 1.08
N PRO A 91 5.27 -4.71 0.43
CA PRO A 91 5.92 -5.63 -0.51
C PRO A 91 5.99 -5.23 -1.98
N LEU A 92 6.99 -5.78 -2.66
CA LEU A 92 7.21 -5.51 -4.07
C LEU A 92 7.90 -6.70 -4.72
N TYR A 93 7.54 -6.96 -5.97
CA TYR A 93 8.13 -8.04 -6.76
C TYR A 93 8.96 -7.33 -7.84
N ASP A 94 10.24 -7.64 -7.91
CA ASP A 94 11.12 -7.02 -8.91
C ASP A 94 11.10 -7.92 -10.15
N ALA A 95 10.45 -7.45 -11.21
CA ALA A 95 10.31 -8.22 -12.45
C ALA A 95 11.62 -8.51 -13.15
N GLN A 96 12.64 -7.69 -12.91
CA GLN A 96 13.92 -7.89 -13.57
C GLN A 96 14.75 -9.02 -12.96
N THR A 97 14.75 -9.09 -11.63
CA THR A 97 15.53 -10.11 -10.93
C THR A 97 14.67 -11.24 -10.37
N GLY A 98 13.40 -10.96 -10.11
CA GLY A 98 12.51 -11.96 -9.55
C GLY A 98 12.56 -11.88 -8.03
N THR A 99 13.43 -11.02 -7.52
CA THR A 99 13.58 -10.85 -6.08
C THR A 99 12.39 -10.13 -5.47
N LEU A 100 11.99 -10.56 -4.28
CA LEU A 100 10.88 -9.92 -3.59
C LEU A 100 11.43 -9.04 -2.49
N PHE A 101 10.81 -7.88 -2.32
CA PHE A 101 11.21 -6.93 -1.29
C PHE A 101 10.05 -6.74 -0.32
N LEU A 102 10.36 -6.76 0.97
CA LEU A 102 9.34 -6.50 1.99
C LEU A 102 9.91 -5.35 2.81
N PHE A 103 9.42 -4.14 2.54
CA PHE A 103 9.86 -2.97 3.29
C PHE A 103 8.97 -2.91 4.51
N PHE A 104 9.52 -2.42 5.62
CA PHE A 104 8.71 -2.29 6.82
C PHE A 104 9.33 -1.27 7.77
N ILE A 105 8.56 -0.91 8.78
CA ILE A 105 8.98 0.08 9.78
C ILE A 105 9.25 -0.63 11.10
N ALA A 106 10.28 -0.18 11.81
CA ALA A 106 10.63 -0.76 13.10
C ALA A 106 10.74 0.34 14.14
N ILE A 107 10.02 0.19 15.24
CA ILE A 107 10.04 1.19 16.32
C ILE A 107 10.29 0.51 17.65
N PRO A 108 11.10 1.12 18.53
CA PRO A 108 11.38 0.51 19.83
C PRO A 108 10.09 0.16 20.58
N GLY A 109 10.07 -1.03 21.19
CA GLY A 109 8.91 -1.47 21.92
C GLY A 109 8.65 -0.67 23.18
N GLN A 110 9.70 -0.05 23.70
CA GLN A 110 9.59 0.76 24.92
C GLN A 110 10.30 2.09 24.74
N VAL A 111 9.87 3.09 25.49
CA VAL A 111 10.47 4.42 25.42
C VAL A 111 11.98 4.31 25.65
N THR A 112 12.76 4.92 24.77
CA THR A 112 14.21 4.88 24.88
C THR A 112 14.70 6.08 25.69
N GLU A 113 15.92 5.97 26.22
CA GLU A 113 16.49 7.06 27.01
C GLU A 113 16.44 8.37 26.22
N GLN A 114 16.75 8.28 24.93
CA GLN A 114 16.73 9.45 24.06
C GLN A 114 15.35 10.10 24.09
N GLN A 115 14.30 9.28 24.00
CA GLN A 115 12.93 9.78 24.03
C GLN A 115 12.60 10.35 25.40
N GLN A 116 13.20 9.78 26.44
CA GLN A 116 12.98 10.25 27.81
C GLN A 116 13.35 11.71 27.94
N LEU A 117 14.37 12.13 27.19
CA LEU A 117 14.84 13.52 27.22
C LEU A 117 14.24 14.34 26.07
N GLU A 118 13.99 13.67 24.95
CA GLU A 118 13.42 14.31 23.77
C GLU A 118 12.17 13.53 23.36
N THR A 119 11.01 13.99 23.82
CA THR A 119 9.74 13.33 23.52
C THR A 119 9.49 13.06 22.04
N ARG A 120 9.87 14.01 21.18
CA ARG A 120 9.66 13.86 19.75
C ARG A 120 10.86 13.38 18.96
N ALA A 121 11.86 12.84 19.66
CA ALA A 121 13.05 12.35 18.98
C ALA A 121 12.67 11.22 18.03
N ASN A 122 13.23 11.23 16.83
CA ASN A 122 12.92 10.20 15.85
C ASN A 122 13.72 8.93 16.17
N VAL A 123 13.02 7.84 16.39
CA VAL A 123 13.66 6.57 16.70
C VAL A 123 13.08 5.48 15.78
N THR A 124 12.40 5.93 14.73
CA THR A 124 11.80 5.02 13.77
C THR A 124 12.82 4.58 12.72
N ARG A 125 12.78 3.31 12.36
CA ARG A 125 13.72 2.76 11.38
C ARG A 125 13.03 2.21 10.13
N LEU A 126 13.64 2.46 8.96
CA LEU A 126 13.13 1.95 7.70
C LEU A 126 13.94 0.70 7.42
N CYS A 127 13.26 -0.43 7.23
CA CYS A 127 13.95 -1.69 6.99
C CYS A 127 13.43 -2.47 5.79
N GLN A 128 14.13 -3.54 5.48
CA GLN A 128 13.73 -4.41 4.38
C GLN A 128 14.34 -5.79 4.54
N VAL A 129 13.62 -6.78 4.03
CA VAL A 129 14.09 -8.15 4.01
C VAL A 129 13.78 -8.54 2.57
N THR A 130 14.61 -9.39 1.98
CA THR A 130 14.38 -9.78 0.61
C THR A 130 14.33 -11.29 0.49
N SER A 131 13.74 -11.77 -0.60
CA SER A 131 13.63 -13.20 -0.85
C SER A 131 13.93 -13.52 -2.30
N THR A 132 14.68 -14.60 -2.51
CA THR A 132 15.04 -15.02 -3.85
C THR A 132 14.38 -16.36 -4.17
N ASP A 133 13.51 -16.81 -3.28
CA ASP A 133 12.79 -18.08 -3.49
C ASP A 133 11.27 -17.92 -3.38
N HIS A 134 10.76 -16.86 -4.00
CA HIS A 134 9.34 -16.57 -4.04
C HIS A 134 8.69 -16.31 -2.67
N GLY A 135 9.48 -15.80 -1.73
CA GLY A 135 8.96 -15.49 -0.42
C GLY A 135 8.91 -16.62 0.59
N ARG A 136 9.56 -17.74 0.27
CA ARG A 136 9.57 -18.88 1.19
C ARG A 136 10.51 -18.59 2.35
N THR A 137 11.67 -18.01 2.04
CA THR A 137 12.65 -17.65 3.06
C THR A 137 13.09 -16.21 2.82
N TRP A 138 13.48 -15.53 3.90
CA TRP A 138 13.88 -14.15 3.82
C TRP A 138 15.28 -13.88 4.37
N SER A 139 15.91 -12.83 3.84
CA SER A 139 17.24 -12.43 4.26
C SER A 139 17.20 -11.76 5.63
N SER A 140 18.38 -11.53 6.19
CA SER A 140 18.46 -10.84 7.48
C SER A 140 17.98 -9.43 7.16
N PRO A 141 17.39 -8.73 8.15
CA PRO A 141 16.92 -7.39 7.89
C PRO A 141 18.03 -6.38 7.59
N ARG A 142 17.74 -5.47 6.67
CA ARG A 142 18.68 -4.42 6.29
C ARG A 142 18.07 -3.09 6.68
N ASP A 143 18.78 -2.32 7.51
CA ASP A 143 18.30 -1.01 7.95
C ASP A 143 18.68 0.02 6.89
N LEU A 144 17.66 0.53 6.19
CA LEU A 144 17.86 1.50 5.11
C LEU A 144 17.77 2.95 5.55
N THR A 145 17.41 3.18 6.80
CA THR A 145 17.21 4.53 7.33
C THR A 145 18.19 5.62 6.89
N ASP A 146 19.46 5.49 7.26
CA ASP A 146 20.45 6.49 6.90
C ASP A 146 20.62 6.70 5.39
N ALA A 147 20.67 5.59 4.66
CA ALA A 147 20.85 5.64 3.21
C ALA A 147 19.67 6.25 2.44
N ALA A 148 18.45 6.03 2.93
CA ALA A 148 17.27 6.53 2.25
C ALA A 148 16.78 7.90 2.70
N ILE A 149 16.92 8.19 3.98
CA ILE A 149 16.45 9.47 4.52
C ILE A 149 17.51 10.55 4.67
N GLY A 150 18.70 10.15 5.12
CA GLY A 150 19.76 11.12 5.28
C GLY A 150 19.57 12.07 6.46
N PRO A 151 20.13 13.29 6.35
CA PRO A 151 20.05 14.34 7.39
C PRO A 151 18.64 14.80 7.78
N ALA A 152 17.66 14.55 6.92
CA ALA A 152 16.29 14.97 7.21
C ALA A 152 15.69 14.18 8.37
N TYR A 153 16.29 13.04 8.68
CA TYR A 153 15.84 12.17 9.74
C TYR A 153 15.49 12.89 11.05
N ARG A 154 16.37 13.77 11.49
CA ARG A 154 16.16 14.50 12.74
C ARG A 154 15.08 15.57 12.65
N GLU A 155 14.60 15.83 11.44
CA GLU A 155 13.57 16.84 11.23
C GLU A 155 12.16 16.25 11.39
N TRP A 156 12.07 14.94 11.59
CA TRP A 156 10.79 14.27 11.75
C TRP A 156 10.66 13.62 13.13
N SER A 157 9.42 13.39 13.55
CA SER A 157 9.16 12.74 14.83
C SER A 157 9.03 11.23 14.58
N THR A 158 8.60 10.89 13.37
CA THR A 158 8.43 9.50 12.95
C THR A 158 7.98 9.52 11.50
N PHE A 159 7.85 8.34 10.91
CA PHE A 159 7.44 8.23 9.51
C PHE A 159 7.06 6.78 9.25
N ALA A 160 6.57 6.51 8.04
CA ALA A 160 6.19 5.15 7.68
C ALA A 160 6.17 5.00 6.17
N VAL A 161 6.11 3.76 5.70
CA VAL A 161 6.02 3.49 4.28
C VAL A 161 4.71 2.76 4.10
N GLY A 162 4.11 2.86 2.92
CA GLY A 162 2.86 2.20 2.67
C GLY A 162 1.78 2.66 3.64
N PRO A 163 1.01 1.75 4.23
CA PRO A 163 1.12 0.30 4.06
C PRO A 163 0.67 -0.20 2.70
N GLY A 164 0.92 -1.49 2.44
CA GLY A 164 0.50 -2.06 1.18
C GLY A 164 1.63 -2.11 0.15
N HIS A 165 1.31 -2.73 -0.98
CA HIS A 165 2.26 -2.92 -2.07
C HIS A 165 2.92 -1.63 -2.57
N CYS A 166 4.18 -1.74 -3.01
CA CYS A 166 4.87 -0.57 -3.58
C CYS A 166 4.84 -0.71 -5.09
N LEU A 167 5.62 0.15 -5.76
CA LEU A 167 5.62 0.22 -7.21
C LEU A 167 6.95 0.02 -7.93
N GLN A 168 6.88 -0.62 -9.10
CA GLN A 168 8.04 -0.79 -9.96
C GLN A 168 7.64 -0.19 -11.29
N LEU A 169 8.41 0.78 -11.77
CA LEU A 169 8.11 1.46 -13.02
C LEU A 169 8.49 0.64 -14.24
N ASN A 170 7.94 1.05 -15.38
CA ASN A 170 8.22 0.37 -16.64
C ASN A 170 9.23 1.17 -17.44
N ASP A 171 10.11 1.89 -16.75
CA ASP A 171 11.16 2.64 -17.40
C ASP A 171 12.31 1.69 -17.67
N ARG A 172 13.34 2.17 -18.36
CA ARG A 172 14.49 1.33 -18.70
C ARG A 172 15.11 0.67 -17.46
N ALA A 173 15.24 1.43 -16.39
CA ALA A 173 15.85 0.93 -15.16
C ALA A 173 14.94 0.05 -14.30
N ARG A 174 13.64 0.05 -14.60
CA ARG A 174 12.66 -0.70 -13.80
C ARG A 174 12.82 -0.23 -12.36
N SER A 175 12.76 1.08 -12.20
CA SER A 175 12.91 1.73 -10.91
C SER A 175 11.90 1.31 -9.85
N LEU A 176 12.34 1.35 -8.59
CA LEU A 176 11.47 1.01 -7.47
C LEU A 176 10.99 2.29 -6.81
N VAL A 177 9.69 2.38 -6.56
CA VAL A 177 9.11 3.55 -5.92
C VAL A 177 8.33 3.10 -4.68
N VAL A 178 8.75 3.58 -3.51
CA VAL A 178 8.10 3.22 -2.25
C VAL A 178 7.36 4.43 -1.68
N PRO A 179 6.01 4.32 -1.59
CA PRO A 179 5.19 5.42 -1.06
C PRO A 179 5.43 5.55 0.44
N ALA A 180 5.40 6.78 0.94
CA ALA A 180 5.66 7.01 2.36
C ALA A 180 5.11 8.35 2.84
N TYR A 181 5.28 8.60 4.14
CA TYR A 181 4.83 9.85 4.72
C TYR A 181 5.59 10.07 6.03
N ALA A 182 5.83 11.33 6.36
CA ALA A 182 6.56 11.65 7.59
C ALA A 182 5.90 12.77 8.35
N TYR A 183 5.96 12.68 9.68
CA TYR A 183 5.42 13.71 10.55
C TYR A 183 6.58 14.68 10.71
N ARG A 184 6.43 15.86 10.11
CA ARG A 184 7.48 16.88 10.15
C ARG A 184 7.41 17.78 11.37
N LYS A 185 8.51 17.86 12.10
CA LYS A 185 8.58 18.71 13.29
C LYS A 185 8.94 20.13 12.86
N LEU A 186 8.02 20.78 12.16
CA LEU A 186 8.23 22.14 11.68
C LEU A 186 8.03 23.19 12.76
N HIS A 187 7.19 22.89 13.74
CA HIS A 187 6.94 23.81 14.84
C HIS A 187 7.37 23.19 16.17
N PRO A 188 7.99 23.98 17.05
CA PRO A 188 8.44 23.49 18.35
C PRO A 188 7.28 23.25 19.31
N ILE A 189 6.18 23.98 19.11
CA ILE A 189 5.00 23.85 19.95
C ILE A 189 3.92 23.01 19.28
N GLN A 190 3.56 23.39 18.05
CA GLN A 190 2.54 22.67 17.29
C GLN A 190 2.94 21.21 17.11
N ARG A 191 1.96 20.32 17.08
CA ARG A 191 2.24 18.90 16.89
C ARG A 191 2.69 18.70 15.46
N PRO A 192 3.62 17.75 15.23
CA PRO A 192 4.12 17.47 13.88
C PRO A 192 3.00 17.14 12.90
N ILE A 193 3.11 17.67 11.68
CA ILE A 193 2.12 17.43 10.64
C ILE A 193 2.69 16.47 9.60
N PRO A 194 1.89 15.49 9.17
CA PRO A 194 2.36 14.52 8.17
C PRO A 194 2.23 15.00 6.73
N SER A 195 3.15 14.55 5.89
CA SER A 195 3.16 14.86 4.47
C SER A 195 3.67 13.65 3.72
N ALA A 196 3.00 13.28 2.64
CA ALA A 196 3.40 12.13 1.85
C ALA A 196 4.54 12.44 0.88
N PHE A 197 5.23 11.39 0.45
CA PHE A 197 6.35 11.51 -0.49
C PHE A 197 6.73 10.12 -0.95
N CYS A 198 7.75 10.02 -1.79
CA CYS A 198 8.21 8.74 -2.29
C CYS A 198 9.70 8.55 -2.13
N PHE A 199 10.11 7.29 -2.00
CA PHE A 199 11.53 6.93 -1.94
C PHE A 199 11.72 6.35 -3.35
N LEU A 200 12.83 6.68 -4.00
CA LEU A 200 13.08 6.22 -5.35
C LEU A 200 14.44 5.57 -5.55
N SER A 201 14.46 4.43 -6.24
CA SER A 201 15.71 3.72 -6.55
C SER A 201 15.68 3.25 -7.99
N HIS A 202 16.75 3.53 -8.73
CA HIS A 202 16.85 3.10 -10.12
C HIS A 202 17.68 1.83 -10.24
N ASP A 203 18.31 1.43 -9.13
CA ASP A 203 19.19 0.26 -9.15
C ASP A 203 18.77 -0.90 -8.25
N HIS A 204 17.48 -1.21 -8.25
CA HIS A 204 16.96 -2.33 -7.47
C HIS A 204 17.25 -2.26 -5.99
N GLY A 205 17.20 -1.05 -5.43
CA GLY A 205 17.42 -0.87 -4.01
C GLY A 205 18.84 -0.70 -3.53
N ARG A 206 19.79 -0.56 -4.45
CA ARG A 206 21.18 -0.37 -4.03
C ARG A 206 21.36 1.03 -3.47
N THR A 207 20.75 2.01 -4.13
CA THR A 207 20.80 3.39 -3.66
C THR A 207 19.39 3.95 -3.64
N TRP A 208 19.16 4.91 -2.75
CA TRP A 208 17.85 5.52 -2.63
C TRP A 208 17.89 7.03 -2.62
N ALA A 209 16.81 7.62 -3.12
CA ALA A 209 16.66 9.07 -3.14
C ALA A 209 15.34 9.36 -2.45
N ARG A 210 15.29 10.44 -1.69
CA ARG A 210 14.07 10.82 -0.98
C ARG A 210 13.40 11.95 -1.76
N GLY A 211 12.19 11.68 -2.24
CA GLY A 211 11.47 12.69 -3.01
C GLY A 211 10.89 13.79 -2.14
N HIS A 212 10.51 14.89 -2.78
CA HIS A 212 9.94 16.03 -2.07
C HIS A 212 8.51 15.74 -1.63
N PHE A 213 8.10 16.38 -0.55
CA PHE A 213 6.77 16.21 0.01
C PHE A 213 5.68 16.79 -0.89
N VAL A 214 4.48 16.23 -0.78
CA VAL A 214 3.32 16.75 -1.51
C VAL A 214 2.68 17.69 -0.49
N ALA A 215 1.39 17.99 -0.65
CA ALA A 215 0.71 18.90 0.27
C ALA A 215 0.78 18.43 1.73
N GLN A 216 0.66 19.40 2.64
CA GLN A 216 0.69 19.11 4.07
C GLN A 216 -0.57 18.36 4.47
N ASP A 217 -0.48 17.61 5.56
CA ASP A 217 -1.59 16.84 6.09
C ASP A 217 -2.08 15.73 5.16
N THR A 218 -1.13 14.99 4.63
CA THR A 218 -1.41 13.86 3.77
C THR A 218 -0.67 12.72 4.46
N LEU A 219 -1.29 11.55 4.53
CA LEU A 219 -0.66 10.44 5.22
C LEU A 219 -0.49 9.23 4.33
N GLU A 220 -0.88 8.06 4.83
CA GLU A 220 -0.78 6.82 4.06
C GLU A 220 -1.19 7.04 2.62
N CYS A 221 -0.27 6.72 1.70
CA CYS A 221 -0.56 6.90 0.28
C CYS A 221 -0.01 5.70 -0.47
N GLN A 222 -0.44 5.57 -1.72
CA GLN A 222 0.05 4.52 -2.60
C GLN A 222 0.30 5.17 -3.94
N VAL A 223 1.17 4.57 -4.74
CA VAL A 223 1.49 5.11 -6.04
C VAL A 223 1.31 4.09 -7.14
N ALA A 224 1.04 4.59 -8.34
CA ALA A 224 0.87 3.74 -9.51
C ALA A 224 1.42 4.52 -10.70
N GLU A 225 1.76 3.81 -11.77
CA GLU A 225 2.28 4.47 -12.96
C GLU A 225 1.28 4.30 -14.10
N VAL A 226 1.03 5.37 -14.83
CA VAL A 226 0.10 5.34 -15.96
C VAL A 226 0.61 6.19 -17.11
N GLU A 227 0.04 5.96 -18.29
CA GLU A 227 0.39 6.70 -19.50
C GLU A 227 -0.39 8.00 -19.53
N GLN A 231 3.14 10.68 -22.00
CA GLN A 231 4.29 10.09 -21.32
C GLN A 231 3.83 9.35 -20.06
N ARG A 232 4.77 8.70 -19.39
CA ARG A 232 4.45 7.96 -18.17
C ARG A 232 4.59 8.86 -16.96
N VAL A 233 3.61 8.80 -16.06
CA VAL A 233 3.65 9.60 -14.85
C VAL A 233 3.35 8.72 -13.65
N VAL A 234 3.80 9.17 -12.48
CA VAL A 234 3.53 8.45 -11.25
C VAL A 234 2.41 9.22 -10.58
N THR A 235 1.33 8.52 -10.24
CA THR A 235 0.23 9.17 -9.54
C THR A 235 0.28 8.71 -8.09
N LEU A 236 0.15 9.67 -7.17
CA LEU A 236 0.16 9.38 -5.75
C LEU A 236 -1.23 9.71 -5.20
N ASN A 237 -1.84 8.76 -4.51
CA ASN A 237 -3.18 8.92 -3.96
C ASN A 237 -3.07 8.77 -2.45
N ALA A 238 -3.32 9.88 -1.75
CA ALA A 238 -3.17 9.92 -0.30
C ALA A 238 -4.39 10.15 0.56
N ARG A 239 -4.30 9.66 1.80
CA ARG A 239 -5.33 9.83 2.81
C ARG A 239 -5.20 11.27 3.31
N SER A 240 -6.33 11.90 3.61
CA SER A 240 -6.30 13.28 4.10
C SER A 240 -7.26 13.39 5.28
N HIS A 241 -7.31 14.59 5.86
CA HIS A 241 -8.21 14.86 6.98
C HIS A 241 -9.35 15.75 6.48
N LEU A 242 -9.52 15.78 5.16
CA LEU A 242 -10.56 16.57 4.54
C LEU A 242 -11.68 15.63 4.09
N ARG A 243 -12.58 16.10 3.24
CA ARG A 243 -13.68 15.26 2.80
C ARG A 243 -13.43 14.55 1.48
N ALA A 244 -12.22 14.69 0.96
CA ALA A 244 -11.87 14.05 -0.30
C ALA A 244 -10.41 13.62 -0.30
N ARG A 245 -10.08 12.68 -1.18
CA ARG A 245 -8.72 12.20 -1.31
C ARG A 245 -7.83 13.28 -1.91
N VAL A 246 -6.53 13.15 -1.67
CA VAL A 246 -5.58 14.10 -2.23
C VAL A 246 -4.72 13.32 -3.23
N GLN A 247 -4.53 13.89 -4.41
CA GLN A 247 -3.73 13.25 -5.44
C GLN A 247 -2.73 14.22 -6.04
N ALA A 248 -1.63 13.69 -6.56
CA ALA A 248 -0.61 14.50 -7.20
C ALA A 248 0.12 13.60 -8.19
N GLN A 249 0.62 14.19 -9.27
CA GLN A 249 1.34 13.41 -10.26
C GLN A 249 2.76 13.94 -10.42
N SER A 250 3.66 13.03 -10.76
CA SER A 250 5.07 13.34 -10.95
C SER A 250 5.57 12.88 -12.31
N THR A 251 6.36 13.73 -12.96
CA THR A 251 6.91 13.39 -14.27
C THR A 251 8.37 12.97 -14.14
N ASN A 252 8.87 12.87 -12.91
CA ASN A 252 10.25 12.46 -12.71
C ASN A 252 10.41 11.35 -11.67
N ASP A 253 9.58 10.31 -11.85
CA ASP A 253 9.59 9.11 -11.02
C ASP A 253 9.28 9.30 -9.53
N GLY A 254 8.63 10.41 -9.18
CA GLY A 254 8.28 10.64 -7.79
C GLY A 254 9.20 11.56 -6.99
N LEU A 255 10.22 12.10 -7.63
CA LEU A 255 11.14 13.00 -6.94
C LEU A 255 10.45 14.32 -6.65
N ASP A 256 9.64 14.78 -7.60
CA ASP A 256 8.90 16.02 -7.46
C ASP A 256 7.49 15.84 -7.98
N PHE A 257 6.52 16.34 -7.24
CA PHE A 257 5.12 16.24 -7.64
C PHE A 257 4.54 17.60 -7.98
N GLN A 258 3.68 17.62 -8.98
CA GLN A 258 3.02 18.84 -9.38
C GLN A 258 2.05 19.17 -8.26
N GLU A 259 1.44 20.35 -8.30
CA GLU A 259 0.51 20.74 -7.24
C GLU A 259 -0.52 19.67 -6.90
N SER A 260 -0.69 19.43 -5.61
CA SER A 260 -1.65 18.45 -5.12
C SER A 260 -3.06 18.93 -5.40
N GLN A 261 -3.97 17.99 -5.63
CA GLN A 261 -5.35 18.33 -5.94
C GLN A 261 -6.32 17.47 -5.13
N LEU A 262 -7.52 17.98 -4.90
CA LEU A 262 -8.52 17.23 -4.16
C LEU A 262 -9.31 16.45 -5.19
N VAL A 263 -9.60 15.19 -4.87
CA VAL A 263 -10.37 14.34 -5.77
C VAL A 263 -11.73 14.17 -5.11
N LYS A 264 -12.61 15.14 -5.36
CA LYS A 264 -13.94 15.13 -4.77
C LYS A 264 -14.74 13.87 -5.01
N LYS A 265 -14.51 13.22 -6.15
CA LYS A 265 -15.25 11.99 -6.46
C LYS A 265 -14.84 10.81 -5.57
N LEU A 266 -13.72 10.94 -4.87
CA LEU A 266 -13.27 9.87 -3.98
C LEU A 266 -13.40 10.40 -2.55
N VAL A 267 -14.49 10.03 -1.89
CA VAL A 267 -14.75 10.50 -0.54
C VAL A 267 -13.77 10.03 0.54
N GLU A 268 -13.58 10.89 1.54
CA GLU A 268 -12.72 10.62 2.68
C GLU A 268 -13.59 10.98 3.89
N PRO A 269 -13.72 10.07 4.87
CA PRO A 269 -14.54 10.34 6.05
C PRO A 269 -13.82 11.14 7.13
N PRO A 270 -14.19 12.44 7.29
CA PRO A 270 -13.54 13.27 8.30
C PRO A 270 -13.95 12.87 9.71
N PRO A 271 -13.14 13.24 10.71
CA PRO A 271 -11.90 14.01 10.56
C PRO A 271 -10.61 13.20 10.37
N GLN A 272 -10.70 11.88 10.48
CA GLN A 272 -9.50 11.04 10.37
C GLN A 272 -9.17 10.49 8.99
N GLY A 273 -10.18 10.32 8.15
CA GLY A 273 -9.93 9.77 6.83
C GLY A 273 -9.59 8.30 6.98
N CYS A 274 -9.23 7.65 5.88
CA CYS A 274 -8.90 6.25 5.93
C CYS A 274 -7.97 5.91 4.79
N GLN A 275 -7.11 4.92 5.00
CA GLN A 275 -6.17 4.49 3.98
C GLN A 275 -6.95 3.82 2.85
N GLY A 276 -6.46 3.97 1.63
CA GLY A 276 -7.09 3.37 0.46
C GLY A 276 -6.02 2.79 -0.44
N SER A 277 -6.42 2.01 -1.44
CA SER A 277 -5.43 1.39 -2.33
C SER A 277 -5.68 1.73 -3.80
N VAL A 278 -4.60 1.87 -4.57
CA VAL A 278 -4.73 2.15 -6.00
C VAL A 278 -3.70 1.35 -6.78
N ILE A 279 -4.12 0.83 -7.93
CA ILE A 279 -3.23 0.08 -8.82
C ILE A 279 -3.60 0.42 -10.24
N SER A 280 -2.68 0.21 -11.16
CA SER A 280 -2.94 0.43 -12.57
C SER A 280 -3.06 -0.96 -13.16
N PHE A 281 -3.70 -1.06 -14.32
CA PHE A 281 -3.81 -2.34 -15.02
C PHE A 281 -4.05 -2.02 -16.48
N PRO A 282 -3.63 -2.91 -17.39
CA PRO A 282 -3.83 -2.68 -18.83
C PRO A 282 -5.29 -2.39 -19.20
N SER A 283 -5.50 -1.34 -19.99
CA SER A 283 -6.83 -0.96 -20.42
C SER A 283 -7.52 -2.13 -21.12
N PRO A 284 -8.80 -2.37 -20.79
CA PRO A 284 -9.57 -3.46 -21.40
C PRO A 284 -10.09 -3.08 -22.79
N ARG A 285 -9.62 -1.94 -23.29
CA ARG A 285 -10.03 -1.46 -24.61
C ARG A 285 -8.80 -1.29 -25.50
N SER A 290 -8.16 4.53 -25.39
CA SER A 290 -6.95 5.19 -25.88
C SER A 290 -5.78 5.01 -24.90
N PRO A 291 -5.97 5.41 -23.64
CA PRO A 291 -4.88 5.27 -22.65
C PRO A 291 -4.45 3.82 -22.45
N ALA A 292 -3.16 3.62 -22.23
CA ALA A 292 -2.59 2.29 -22.04
C ALA A 292 -3.05 1.62 -20.75
N GLN A 293 -3.25 2.39 -19.70
CA GLN A 293 -3.68 1.83 -18.42
C GLN A 293 -4.90 2.51 -17.83
N TRP A 294 -5.58 1.78 -16.98
CA TRP A 294 -6.72 2.28 -16.23
C TRP A 294 -6.29 2.11 -14.78
N LEU A 295 -7.00 2.76 -13.86
CA LEU A 295 -6.70 2.62 -12.44
C LEU A 295 -7.90 2.01 -11.74
N LEU A 296 -7.62 1.21 -10.71
CA LEU A 296 -8.66 0.61 -9.87
C LEU A 296 -8.27 1.05 -8.47
N TYR A 297 -9.25 1.49 -7.68
CA TYR A 297 -8.98 1.98 -6.33
C TYR A 297 -10.06 1.49 -5.37
N THR A 298 -9.66 1.17 -4.15
CA THR A 298 -10.60 0.71 -3.13
C THR A 298 -10.46 1.54 -1.87
N HIS A 299 -11.59 1.82 -1.22
CA HIS A 299 -11.63 2.65 -0.02
C HIS A 299 -13.08 2.68 0.45
N PRO A 300 -13.32 2.95 1.75
CA PRO A 300 -14.71 2.99 2.21
C PRO A 300 -15.46 4.09 1.44
N THR A 301 -16.78 3.95 1.29
CA THR A 301 -17.56 4.92 0.54
C THR A 301 -18.52 5.76 1.37
N HIS A 302 -18.56 5.51 2.67
CA HIS A 302 -19.45 6.27 3.57
C HIS A 302 -18.89 7.68 3.75
N SER A 303 -19.78 8.68 3.84
CA SER A 303 -19.35 10.07 3.98
C SER A 303 -18.61 10.41 5.27
N TRP A 304 -18.86 9.67 6.35
CA TRP A 304 -18.16 9.98 7.60
C TRP A 304 -17.77 8.77 8.44
N GLN A 305 -18.06 7.57 7.96
CA GLN A 305 -17.71 6.35 8.69
C GLN A 305 -16.82 5.48 7.83
N ARG A 306 -16.11 4.56 8.47
CA ARG A 306 -15.26 3.61 7.74
C ARG A 306 -16.17 2.42 7.49
N ALA A 307 -16.92 2.50 6.39
CA ALA A 307 -17.86 1.46 6.04
C ALA A 307 -18.13 1.41 4.55
N ASP A 308 -18.67 0.28 4.10
CA ASP A 308 -19.03 0.06 2.70
C ASP A 308 -17.85 0.21 1.74
N LEU A 309 -16.96 -0.78 1.73
CA LEU A 309 -15.80 -0.74 0.85
C LEU A 309 -16.26 -0.70 -0.60
N GLY A 310 -15.70 0.22 -1.36
CA GLY A 310 -16.08 0.33 -2.76
C GLY A 310 -14.90 0.27 -3.70
N ALA A 311 -15.16 -0.16 -4.93
CA ALA A 311 -14.12 -0.21 -5.93
C ALA A 311 -14.46 0.89 -6.94
N TYR A 312 -13.46 1.67 -7.32
CA TYR A 312 -13.65 2.76 -8.28
C TYR A 312 -12.73 2.57 -9.47
N LEU A 313 -13.18 3.01 -10.64
CA LEU A 313 -12.41 2.88 -11.85
C LEU A 313 -12.09 4.25 -12.47
N ASN A 314 -10.90 4.39 -13.03
CA ASN A 314 -10.54 5.63 -13.71
C ASN A 314 -10.00 5.23 -15.08
N PRO A 315 -10.81 5.42 -16.14
CA PRO A 315 -10.45 5.08 -17.52
C PRO A 315 -9.59 6.11 -18.26
N ARG A 316 -9.33 7.24 -17.63
CA ARG A 316 -8.49 8.27 -18.23
C ARG A 316 -7.63 8.81 -17.10
N PRO A 317 -6.85 7.92 -16.45
CA PRO A 317 -5.97 8.29 -15.34
C PRO A 317 -4.85 9.26 -15.66
N PRO A 318 -4.47 10.08 -14.66
CA PRO A 318 -5.06 10.08 -13.33
C PRO A 318 -6.05 11.23 -13.12
N ALA A 319 -6.67 11.70 -14.19
CA ALA A 319 -7.62 12.80 -14.12
C ALA A 319 -8.64 12.63 -12.99
N PRO A 320 -8.65 13.56 -12.02
CA PRO A 320 -9.57 13.51 -10.89
C PRO A 320 -11.04 13.41 -11.28
N GLU A 321 -11.43 14.09 -12.36
CA GLU A 321 -12.83 14.06 -12.77
C GLU A 321 -13.25 12.81 -13.55
N ALA A 322 -12.29 11.94 -13.85
CA ALA A 322 -12.59 10.73 -14.61
C ALA A 322 -12.96 9.53 -13.73
N TRP A 323 -12.85 9.67 -12.42
CA TRP A 323 -13.20 8.57 -11.53
C TRP A 323 -14.69 8.23 -11.62
N SER A 324 -14.97 6.92 -11.62
CA SER A 324 -16.34 6.43 -11.71
C SER A 324 -17.01 6.46 -10.35
N GLU A 325 -18.31 6.19 -10.34
CA GLU A 325 -19.03 6.10 -9.08
C GLU A 325 -18.53 4.75 -8.57
N PRO A 326 -18.50 4.55 -7.25
CA PRO A 326 -18.02 3.26 -6.77
C PRO A 326 -19.03 2.13 -6.84
N VAL A 327 -18.51 0.90 -6.89
CA VAL A 327 -19.36 -0.28 -6.86
C VAL A 327 -19.07 -0.89 -5.50
N LEU A 328 -20.11 -1.31 -4.78
CA LEU A 328 -19.95 -1.88 -3.46
C LEU A 328 -19.34 -3.28 -3.45
N LEU A 329 -18.17 -3.40 -2.81
CA LEU A 329 -17.48 -4.69 -2.71
C LEU A 329 -17.88 -5.41 -1.43
N ALA A 330 -18.20 -4.64 -0.40
CA ALA A 330 -18.61 -5.22 0.88
C ALA A 330 -19.32 -4.19 1.75
N LYS A 331 -20.49 -4.57 2.26
CA LYS A 331 -21.27 -3.69 3.12
C LYS A 331 -20.77 -3.80 4.56
N GLY A 332 -21.07 -2.78 5.36
CA GLY A 332 -20.66 -2.80 6.75
C GLY A 332 -19.28 -2.24 7.01
N SER A 333 -18.79 -2.50 8.23
CA SER A 333 -17.49 -2.03 8.67
C SER A 333 -16.35 -2.52 7.79
N CYS A 334 -15.59 -1.58 7.23
CA CYS A 334 -14.44 -1.89 6.39
C CYS A 334 -13.44 -0.75 6.61
N ALA A 335 -12.15 -1.05 6.55
CA ALA A 335 -11.14 -0.02 6.75
C ALA A 335 -10.04 -0.07 5.69
N TYR A 336 -8.80 -0.29 6.13
CA TYR A 336 -7.67 -0.35 5.21
C TYR A 336 -7.78 -1.49 4.20
N SER A 337 -7.21 -1.29 3.02
CA SER A 337 -7.24 -2.33 1.99
C SER A 337 -6.00 -2.27 1.11
N ASP A 338 -5.77 -3.33 0.35
CA ASP A 338 -4.67 -3.37 -0.59
C ASP A 338 -5.11 -4.21 -1.79
N LEU A 339 -4.79 -3.70 -2.98
CA LEU A 339 -5.16 -4.36 -4.24
C LEU A 339 -3.98 -4.91 -5.01
N GLN A 340 -4.25 -5.93 -5.82
CA GLN A 340 -3.26 -6.52 -6.70
C GLN A 340 -3.97 -7.05 -7.94
N SER A 341 -3.40 -6.81 -9.11
CA SER A 341 -3.97 -7.37 -10.34
C SER A 341 -3.38 -8.78 -10.33
N MET A 342 -4.13 -9.75 -10.86
CA MET A 342 -3.68 -11.14 -10.86
C MET A 342 -3.80 -11.79 -12.22
N GLY A 343 -3.48 -11.05 -13.27
CA GLY A 343 -3.57 -11.62 -14.61
C GLY A 343 -5.00 -11.62 -15.11
N THR A 344 -5.35 -12.61 -15.92
CA THR A 344 -6.68 -12.70 -16.49
C THR A 344 -7.58 -13.69 -15.76
N GLY A 345 -8.82 -13.25 -15.49
CA GLY A 345 -9.78 -14.09 -14.79
C GLY A 345 -10.48 -15.09 -15.69
N PRO A 346 -11.20 -16.06 -15.11
CA PRO A 346 -11.92 -17.09 -15.86
C PRO A 346 -12.89 -16.56 -16.94
N ASP A 347 -13.48 -15.40 -16.71
CA ASP A 347 -14.41 -14.84 -17.69
C ASP A 347 -13.71 -14.07 -18.81
N GLY A 348 -12.38 -14.01 -18.73
CA GLY A 348 -11.62 -13.31 -19.76
C GLY A 348 -11.27 -11.87 -19.46
N SER A 349 -11.80 -11.32 -18.37
CA SER A 349 -11.50 -9.94 -18.00
C SER A 349 -10.45 -9.92 -16.89
N PRO A 350 -9.85 -8.76 -16.64
CA PRO A 350 -8.82 -8.65 -15.60
C PRO A 350 -9.23 -9.19 -14.22
N LEU A 351 -8.35 -9.97 -13.61
CA LEU A 351 -8.58 -10.57 -12.30
C LEU A 351 -7.93 -9.70 -11.22
N PHE A 352 -8.62 -9.53 -10.10
CA PHE A 352 -8.10 -8.72 -9.00
C PHE A 352 -8.24 -9.40 -7.66
N GLY A 353 -7.30 -9.10 -6.78
CA GLY A 353 -7.32 -9.63 -5.42
C GLY A 353 -7.35 -8.41 -4.51
N CYS A 354 -8.14 -8.47 -3.45
CA CYS A 354 -8.23 -7.36 -2.52
C CYS A 354 -8.22 -7.88 -1.09
N LEU A 355 -7.36 -7.30 -0.27
CA LEU A 355 -7.24 -7.69 1.14
C LEU A 355 -7.69 -6.46 1.92
N TYR A 356 -8.68 -6.60 2.80
CA TYR A 356 -9.17 -5.45 3.55
C TYR A 356 -9.61 -5.77 4.98
N GLU A 357 -9.48 -4.79 5.86
CA GLU A 357 -9.87 -4.93 7.27
C GLU A 357 -11.39 -4.83 7.35
N ALA A 358 -12.01 -5.68 8.15
CA ALA A 358 -13.46 -5.66 8.26
C ALA A 358 -13.97 -6.02 9.64
N ASN A 359 -15.26 -5.73 9.86
CA ASN A 359 -15.94 -6.04 11.11
C ASN A 359 -15.24 -5.50 12.34
N ASP A 360 -15.14 -4.17 12.42
CA ASP A 360 -14.51 -3.50 13.55
C ASP A 360 -13.11 -4.05 13.83
N TYR A 361 -12.34 -4.24 12.77
CA TYR A 361 -10.96 -4.72 12.87
C TYR A 361 -10.81 -6.11 13.47
N GLU A 362 -11.86 -6.93 13.36
CA GLU A 362 -11.81 -8.28 13.89
C GLU A 362 -11.32 -9.28 12.86
N GLU A 363 -11.17 -8.83 11.62
CA GLU A 363 -10.70 -9.71 10.57
C GLU A 363 -10.13 -8.97 9.38
N ILE A 364 -9.40 -9.71 8.56
CA ILE A 364 -8.84 -9.20 7.32
C ILE A 364 -9.39 -10.19 6.31
N VAL A 365 -10.16 -9.67 5.36
CA VAL A 365 -10.81 -10.48 4.34
C VAL A 365 -10.17 -10.42 2.97
N PHE A 366 -10.13 -11.56 2.29
CA PHE A 366 -9.58 -11.62 0.94
C PHE A 366 -10.75 -11.73 -0.03
N LEU A 367 -10.77 -10.85 -1.02
CA LEU A 367 -11.83 -10.84 -2.02
C LEU A 367 -11.16 -10.96 -3.38
N MET A 368 -11.69 -11.85 -4.22
CA MET A 368 -11.14 -12.01 -5.56
C MET A 368 -12.31 -11.85 -6.53
N PHE A 369 -12.14 -10.96 -7.50
CA PHE A 369 -13.19 -10.67 -8.46
C PHE A 369 -12.57 -10.18 -9.76
N THR A 370 -13.38 -10.15 -10.82
CA THR A 370 -12.91 -9.69 -12.12
C THR A 370 -13.52 -8.34 -12.46
N LEU A 371 -12.95 -7.67 -13.47
CA LEU A 371 -13.47 -6.38 -13.88
C LEU A 371 -14.88 -6.54 -14.43
N LYS A 372 -15.16 -7.65 -15.07
CA LYS A 372 -16.49 -7.88 -15.63
C LYS A 372 -17.52 -8.02 -14.52
N GLN A 373 -17.15 -8.67 -13.43
CA GLN A 373 -18.06 -8.85 -12.30
C GLN A 373 -18.35 -7.52 -11.62
N ALA A 374 -17.30 -6.75 -11.39
CA ALA A 374 -17.40 -5.46 -10.72
C ALA A 374 -18.01 -4.33 -11.53
N PHE A 375 -17.70 -4.29 -12.82
CA PHE A 375 -18.22 -3.24 -13.70
C PHE A 375 -18.83 -3.84 -14.95
N PRO A 376 -19.98 -4.52 -14.81
CA PRO A 376 -20.69 -5.15 -15.93
C PRO A 376 -20.99 -4.24 -17.12
N ALA A 377 -21.20 -2.95 -16.85
CA ALA A 377 -21.49 -1.99 -17.91
C ALA A 377 -20.36 -1.90 -18.93
N GLU A 378 -19.16 -2.24 -18.49
CA GLU A 378 -17.98 -2.20 -19.36
C GLU A 378 -18.01 -3.36 -20.34
N TYR A 379 -18.92 -4.30 -20.10
CA TYR A 379 -19.04 -5.47 -20.96
C TYR A 379 -20.49 -5.65 -21.43
CL CL B . 6.90 -15.09 -9.73
CL CL C . 1.27 -9.33 -13.00
#